data_1MK4
#
_entry.id   1MK4
#
_cell.length_a   103.613
_cell.length_b   103.613
_cell.length_c   72.060
_cell.angle_alpha   90.00
_cell.angle_beta   90.00
_cell.angle_gamma   120.00
#
_symmetry.space_group_name_H-M   'P 31 2 1'
#
loop_
_entity.id
_entity.type
_entity.pdbx_description
1 polymer 'Hypothetical protein yqjY'
2 water water
#
_entity_poly.entity_id   1
_entity_poly.type   'polypeptide(L)'
_entity_poly.pdbx_seq_one_letter_code
;HMDIRTITSSDYEMVTSVLNEWWGGRQLKEKLPRLFFEHFQDTSFITSEHNSMTGFLIGFQSQSDPETAYIHFSGVHPDF
RKMQIGKQLYDVFIETVKQRGCTRVKCVTSPVNKVSIAYHTKLGFDIEKGTKTVNGISVFANYDGPGQDRVLFVKNI
;
_entity_poly.pdbx_strand_id   A,B
#
# COMPACT_ATOMS: atom_id res chain seq x y z
N HIS A 1 26.02 -7.73 -18.84
CA HIS A 1 24.73 -8.40 -19.16
C HIS A 1 23.58 -7.69 -18.44
N MET A 2 22.42 -8.32 -18.41
CA MET A 2 21.27 -7.73 -17.73
C MET A 2 20.28 -8.79 -17.27
N ASP A 3 19.61 -8.53 -16.16
CA ASP A 3 18.62 -9.45 -15.68
C ASP A 3 17.53 -8.74 -14.92
N ILE A 4 16.39 -9.39 -14.85
CA ILE A 4 15.24 -8.85 -14.14
C ILE A 4 14.73 -9.99 -13.27
N ARG A 5 14.41 -9.69 -12.02
CA ARG A 5 13.91 -10.71 -11.11
C ARG A 5 12.86 -10.11 -10.20
N THR A 6 12.07 -10.97 -9.57
CA THR A 6 11.06 -10.51 -8.65
C THR A 6 11.78 -10.09 -7.36
N ILE A 7 11.16 -9.22 -6.59
CA ILE A 7 11.79 -8.76 -5.36
C ILE A 7 11.55 -9.72 -4.20
N THR A 8 12.37 -9.57 -3.15
CA THR A 8 12.25 -10.39 -1.96
C THR A 8 12.30 -9.44 -0.78
N SER A 9 11.94 -9.93 0.40
CA SER A 9 11.94 -9.09 1.58
C SER A 9 13.33 -8.52 1.86
N SER A 10 14.36 -9.31 1.60
CA SER A 10 15.73 -8.86 1.85
C SER A 10 16.19 -7.72 0.94
N ASP A 11 15.39 -7.38 -0.07
CA ASP A 11 15.75 -6.28 -0.97
C ASP A 11 15.36 -4.92 -0.42
N TYR A 12 14.65 -4.91 0.70
CA TYR A 12 14.18 -3.65 1.27
C TYR A 12 15.25 -2.58 1.45
N GLU A 13 16.32 -2.93 2.15
CA GLU A 13 17.40 -2.00 2.41
C GLU A 13 17.97 -1.38 1.14
N MET A 14 18.29 -2.23 0.18
CA MET A 14 18.85 -1.79 -1.09
C MET A 14 17.96 -0.83 -1.86
N VAL A 15 16.69 -1.16 -2.00
CA VAL A 15 15.76 -0.30 -2.74
C VAL A 15 15.46 1.02 -2.05
N THR A 16 15.15 0.98 -0.76
CA THR A 16 14.82 2.19 -0.04
C THR A 16 16.01 3.16 0.02
N SER A 17 17.23 2.63 -0.05
CA SER A 17 18.41 3.48 -0.02
C SER A 17 18.48 4.42 -1.23
N VAL A 18 18.11 3.93 -2.40
CA VAL A 18 18.17 4.77 -3.60
C VAL A 18 17.12 5.87 -3.66
N LEU A 19 16.12 5.82 -2.79
CA LEU A 19 15.10 6.87 -2.76
C LEU A 19 15.76 8.19 -2.39
N ASN A 20 16.97 8.12 -1.86
CA ASN A 20 17.74 9.30 -1.47
C ASN A 20 18.87 9.59 -2.46
N GLU A 21 19.08 8.69 -3.42
CA GLU A 21 20.18 8.86 -4.37
C GLU A 21 19.84 9.04 -5.84
N TRP A 22 18.64 8.64 -6.25
CA TRP A 22 18.27 8.73 -7.66
C TRP A 22 17.46 9.95 -8.09
N TRP A 23 16.94 10.71 -7.12
CA TRP A 23 16.13 11.87 -7.47
C TRP A 23 16.82 13.22 -7.22
N GLY A 24 18.05 13.34 -7.71
CA GLY A 24 18.81 14.58 -7.57
C GLY A 24 19.13 15.04 -6.16
N GLY A 25 19.08 14.13 -5.20
CA GLY A 25 19.37 14.50 -3.82
C GLY A 25 18.21 15.19 -3.13
N ARG A 26 17.05 15.20 -3.78
CA ARG A 26 15.88 15.83 -3.22
C ARG A 26 15.05 14.78 -2.46
N GLN A 27 14.76 15.06 -1.20
CA GLN A 27 13.98 14.13 -0.38
C GLN A 27 12.57 13.96 -0.90
N LEU A 28 12.19 12.71 -1.16
CA LEU A 28 10.84 12.42 -1.65
C LEU A 28 9.89 12.31 -0.47
N LYS A 29 8.67 12.81 -0.65
CA LYS A 29 7.66 12.74 0.40
C LYS A 29 7.20 11.30 0.52
N GLU A 30 6.79 10.73 -0.60
CA GLU A 30 6.32 9.36 -0.63
C GLU A 30 7.39 8.36 -0.21
N LYS A 31 7.01 7.46 0.68
CA LYS A 31 7.91 6.42 1.19
C LYS A 31 7.39 5.07 0.68
N LEU A 32 8.17 4.02 0.89
CA LEU A 32 7.79 2.67 0.48
C LEU A 32 7.76 1.72 1.66
N PRO A 33 6.57 1.49 2.25
CA PRO A 33 6.42 0.60 3.39
C PRO A 33 6.91 -0.82 3.07
N ARG A 34 7.42 -1.50 4.09
CA ARG A 34 7.93 -2.85 3.95
C ARG A 34 6.86 -3.83 3.42
N LEU A 35 5.60 -3.53 3.70
CA LEU A 35 4.51 -4.40 3.29
C LEU A 35 4.52 -4.76 1.79
N PHE A 36 5.01 -3.86 0.96
CA PHE A 36 5.06 -4.14 -0.47
C PHE A 36 6.08 -5.23 -0.81
N PHE A 37 7.21 -5.22 -0.10
CA PHE A 37 8.27 -6.19 -0.31
C PHE A 37 7.93 -7.56 0.26
N GLU A 38 6.89 -7.61 1.09
CA GLU A 38 6.51 -8.86 1.70
C GLU A 38 5.27 -9.49 1.06
N HIS A 39 4.37 -8.66 0.54
CA HIS A 39 3.13 -9.19 0.00
C HIS A 39 2.81 -9.07 -1.47
N PHE A 40 3.64 -8.33 -2.21
CA PHE A 40 3.39 -8.15 -3.64
C PHE A 40 4.66 -8.43 -4.43
N GLN A 41 5.41 -9.43 -3.97
CA GLN A 41 6.68 -9.82 -4.59
C GLN A 41 6.64 -10.29 -6.05
N ASP A 42 5.64 -11.08 -6.40
CA ASP A 42 5.54 -11.63 -7.74
C ASP A 42 5.21 -10.64 -8.84
N THR A 43 4.84 -9.42 -8.46
CA THR A 43 4.53 -8.39 -9.45
C THR A 43 5.37 -7.14 -9.21
N SER A 44 6.50 -7.31 -8.52
CA SER A 44 7.42 -6.23 -8.23
C SER A 44 8.78 -6.73 -8.69
N PHE A 45 9.56 -5.86 -9.32
CA PHE A 45 10.83 -6.26 -9.90
C PHE A 45 12.04 -5.37 -9.69
N ILE A 46 13.20 -5.98 -9.88
CA ILE A 46 14.47 -5.28 -9.81
C ILE A 46 15.24 -5.65 -11.08
N THR A 47 15.75 -4.64 -11.79
CA THR A 47 16.55 -4.89 -12.98
C THR A 47 18.00 -4.59 -12.58
N SER A 48 18.94 -5.25 -13.24
CA SER A 48 20.33 -4.99 -12.95
C SER A 48 21.23 -5.35 -14.10
N GLU A 49 22.44 -4.83 -14.05
CA GLU A 49 23.44 -5.09 -15.05
C GLU A 49 24.71 -5.40 -14.28
N HIS A 50 25.18 -6.64 -14.41
CA HIS A 50 26.36 -7.13 -13.72
C HIS A 50 26.28 -7.00 -12.21
N ASN A 51 25.16 -7.46 -11.66
CA ASN A 51 24.91 -7.46 -10.22
C ASN A 51 24.83 -6.08 -9.57
N SER A 52 24.45 -5.09 -10.37
CA SER A 52 24.30 -3.73 -9.87
C SER A 52 22.91 -3.25 -10.31
N MET A 53 22.06 -2.94 -9.33
CA MET A 53 20.69 -2.49 -9.62
C MET A 53 20.63 -1.26 -10.51
N THR A 54 19.81 -1.35 -11.56
CA THR A 54 19.62 -0.24 -12.49
C THR A 54 18.21 0.30 -12.41
N GLY A 55 17.31 -0.44 -11.76
CA GLY A 55 15.94 0.02 -11.63
C GLY A 55 15.06 -0.92 -10.84
N PHE A 56 13.87 -0.45 -10.48
CA PHE A 56 12.93 -1.28 -9.74
C PHE A 56 11.51 -0.81 -9.99
N LEU A 57 10.56 -1.70 -9.72
CA LEU A 57 9.14 -1.40 -9.90
C LEU A 57 8.33 -2.14 -8.86
N ILE A 58 7.43 -1.42 -8.21
CA ILE A 58 6.55 -2.01 -7.19
C ILE A 58 5.14 -1.89 -7.73
N GLY A 59 4.43 -3.02 -7.81
CA GLY A 59 3.07 -2.99 -8.30
C GLY A 59 2.30 -4.20 -7.81
N PHE A 60 1.01 -4.26 -8.14
CA PHE A 60 0.19 -5.37 -7.69
C PHE A 60 -1.08 -5.49 -8.53
N GLN A 61 -1.81 -6.58 -8.33
CA GLN A 61 -3.07 -6.77 -9.03
C GLN A 61 -4.15 -6.22 -8.10
N SER A 62 -5.10 -5.49 -8.66
CA SER A 62 -6.19 -4.95 -7.83
C SER A 62 -6.97 -6.14 -7.28
N GLN A 63 -7.44 -6.04 -6.04
CA GLN A 63 -8.20 -7.14 -5.47
C GLN A 63 -9.70 -6.93 -5.67
N SER A 64 -10.17 -5.69 -5.54
CA SER A 64 -11.59 -5.42 -5.71
C SER A 64 -11.97 -5.22 -7.19
N ASP A 65 -10.96 -5.00 -8.04
CA ASP A 65 -11.18 -4.83 -9.48
C ASP A 65 -10.08 -5.66 -10.16
N PRO A 66 -10.17 -7.00 -10.05
CA PRO A 66 -9.22 -8.00 -10.59
C PRO A 66 -8.68 -7.83 -12.00
N GLU A 67 -9.47 -7.26 -12.90
CA GLU A 67 -9.00 -7.07 -14.27
C GLU A 67 -7.99 -5.92 -14.35
N THR A 68 -7.84 -5.20 -13.25
CA THR A 68 -6.92 -4.07 -13.23
C THR A 68 -5.65 -4.34 -12.42
N ALA A 69 -4.50 -3.94 -12.98
CA ALA A 69 -3.21 -4.07 -12.30
C ALA A 69 -2.80 -2.63 -11.99
N TYR A 70 -2.04 -2.43 -10.91
CA TYR A 70 -1.63 -1.09 -10.49
C TYR A 70 -0.13 -0.98 -10.27
N ILE A 71 0.51 0.02 -10.88
CA ILE A 71 1.93 0.24 -10.68
C ILE A 71 2.02 1.37 -9.66
N HIS A 72 2.59 1.05 -8.50
CA HIS A 72 2.70 2.03 -7.42
C HIS A 72 3.94 2.92 -7.45
N PHE A 73 5.10 2.34 -7.73
CA PHE A 73 6.32 3.13 -7.71
C PHE A 73 7.42 2.48 -8.53
N SER A 74 8.18 3.29 -9.27
CA SER A 74 9.27 2.75 -10.04
C SER A 74 10.36 3.79 -10.11
N GLY A 75 11.58 3.34 -10.38
CA GLY A 75 12.69 4.27 -10.48
C GLY A 75 13.80 3.67 -11.33
N VAL A 76 14.58 4.54 -11.96
CA VAL A 76 15.68 4.09 -12.79
C VAL A 76 16.94 4.85 -12.39
N HIS A 77 18.06 4.13 -12.34
CA HIS A 77 19.35 4.71 -11.97
C HIS A 77 19.66 5.90 -12.88
N PRO A 78 20.17 6.99 -12.30
CA PRO A 78 20.53 8.22 -13.01
C PRO A 78 21.38 8.05 -14.28
N ASP A 79 22.34 7.12 -14.24
CA ASP A 79 23.22 6.89 -15.38
C ASP A 79 22.57 6.08 -16.50
N PHE A 80 21.34 5.64 -16.29
CA PHE A 80 20.66 4.86 -17.30
C PHE A 80 19.48 5.61 -17.91
N ARG A 81 19.22 5.34 -19.18
CA ARG A 81 18.14 5.99 -19.88
C ARG A 81 16.80 5.54 -19.32
N LYS A 82 16.06 6.50 -18.77
CA LYS A 82 14.77 6.26 -18.15
C LYS A 82 13.86 5.35 -18.98
N MET A 83 13.70 5.69 -20.26
CA MET A 83 12.82 4.92 -21.13
C MET A 83 13.21 3.45 -21.32
N GLN A 84 14.48 3.16 -21.59
CA GLN A 84 14.89 1.77 -21.81
C GLN A 84 14.69 0.85 -20.61
N ILE A 85 15.27 1.22 -19.47
CA ILE A 85 15.13 0.42 -18.25
C ILE A 85 13.69 0.45 -17.77
N GLY A 86 13.10 1.64 -17.79
CA GLY A 86 11.73 1.80 -17.37
C GLY A 86 10.80 0.94 -18.22
N LYS A 87 11.01 0.96 -19.53
CA LYS A 87 10.18 0.18 -20.44
C LYS A 87 10.31 -1.31 -20.14
N GLN A 88 11.52 -1.76 -19.84
CA GLN A 88 11.74 -3.16 -19.53
C GLN A 88 10.96 -3.57 -18.28
N LEU A 89 11.01 -2.73 -17.25
CA LEU A 89 10.29 -3.00 -16.01
C LEU A 89 8.78 -3.04 -16.27
N TYR A 90 8.28 -2.05 -17.01
CA TYR A 90 6.85 -2.01 -17.31
C TYR A 90 6.42 -3.20 -18.18
N ASP A 91 7.26 -3.57 -19.14
CA ASP A 91 6.93 -4.69 -20.01
C ASP A 91 6.85 -6.02 -19.27
N VAL A 92 7.78 -6.26 -18.36
CA VAL A 92 7.77 -7.51 -17.60
C VAL A 92 6.60 -7.50 -16.63
N PHE A 93 6.28 -6.34 -16.07
CA PHE A 93 5.14 -6.22 -15.17
C PHE A 93 3.85 -6.56 -15.92
N ILE A 94 3.69 -5.97 -17.10
CA ILE A 94 2.50 -6.17 -17.92
C ILE A 94 2.33 -7.64 -18.32
N GLU A 95 3.40 -8.30 -18.74
CA GLU A 95 3.29 -9.70 -19.13
C GLU A 95 2.93 -10.56 -17.91
N THR A 96 3.47 -10.18 -16.75
CA THR A 96 3.21 -10.92 -15.53
C THR A 96 1.75 -10.79 -15.09
N VAL A 97 1.20 -9.57 -15.10
CA VAL A 97 -0.18 -9.40 -14.66
C VAL A 97 -1.18 -9.90 -15.69
N LYS A 98 -0.77 -9.99 -16.96
CA LYS A 98 -1.67 -10.52 -17.98
C LYS A 98 -1.94 -11.98 -17.64
N GLN A 99 -0.94 -12.63 -17.06
CA GLN A 99 -1.04 -14.04 -16.68
C GLN A 99 -1.89 -14.20 -15.42
N ARG A 100 -2.27 -13.07 -14.82
CA ARG A 100 -3.10 -13.08 -13.61
C ARG A 100 -4.54 -12.68 -13.96
N GLY A 101 -4.79 -12.44 -15.24
CA GLY A 101 -6.12 -12.07 -15.69
C GLY A 101 -6.38 -10.58 -15.89
N CYS A 102 -5.35 -9.76 -15.73
CA CYS A 102 -5.49 -8.31 -15.88
C CYS A 102 -5.58 -7.91 -17.34
N THR A 103 -6.48 -6.97 -17.63
CA THR A 103 -6.67 -6.46 -18.99
C THR A 103 -6.35 -4.98 -19.10
N ARG A 104 -5.95 -4.36 -18.00
CA ARG A 104 -5.58 -2.95 -18.01
C ARG A 104 -4.65 -2.65 -16.86
N VAL A 105 -3.85 -1.60 -17.01
CA VAL A 105 -2.91 -1.21 -15.97
C VAL A 105 -3.13 0.26 -15.64
N LYS A 106 -3.07 0.60 -14.36
CA LYS A 106 -3.27 1.96 -13.89
C LYS A 106 -2.12 2.44 -13.01
N CYS A 107 -2.00 3.76 -12.88
CA CYS A 107 -1.01 4.38 -12.01
C CYS A 107 -1.36 5.85 -11.97
N VAL A 108 -0.66 6.62 -11.14
CA VAL A 108 -0.96 8.04 -11.02
C VAL A 108 0.27 8.90 -10.87
N THR A 109 0.09 10.21 -11.04
CA THR A 109 1.18 11.15 -10.84
C THR A 109 0.56 12.52 -10.60
N SER A 110 1.40 13.51 -10.31
CA SER A 110 0.94 14.87 -10.08
C SER A 110 0.81 15.58 -11.41
N PRO A 111 -0.13 16.53 -11.53
CA PRO A 111 -0.34 17.28 -12.77
C PRO A 111 0.89 18.09 -13.19
N VAL A 112 1.76 18.41 -12.24
CA VAL A 112 2.96 19.19 -12.56
C VAL A 112 4.16 18.31 -12.90
N ASN A 113 3.99 17.00 -12.83
CA ASN A 113 5.07 16.08 -13.15
C ASN A 113 5.06 15.77 -14.65
N LYS A 114 5.58 16.70 -15.44
CA LYS A 114 5.61 16.51 -16.88
C LYS A 114 6.47 15.33 -17.29
N VAL A 115 7.49 15.04 -16.49
CA VAL A 115 8.37 13.91 -16.79
C VAL A 115 7.56 12.62 -16.79
N SER A 116 6.71 12.45 -15.77
CA SER A 116 5.90 11.25 -15.67
C SER A 116 4.79 11.22 -16.72
N ILE A 117 4.14 12.36 -16.94
CA ILE A 117 3.07 12.45 -17.93
C ILE A 117 3.64 12.06 -19.30
N ALA A 118 4.83 12.55 -19.62
CA ALA A 118 5.46 12.24 -20.90
C ALA A 118 5.80 10.76 -20.97
N TYR A 119 6.44 10.25 -19.92
CA TYR A 119 6.85 8.85 -19.85
C TYR A 119 5.68 7.90 -20.07
N HIS A 120 4.59 8.11 -19.33
CA HIS A 120 3.43 7.22 -19.45
C HIS A 120 2.72 7.37 -20.78
N THR A 121 2.67 8.58 -21.31
CA THR A 121 2.02 8.79 -22.58
C THR A 121 2.82 8.06 -23.68
N LYS A 122 4.14 8.14 -23.60
CA LYS A 122 5.02 7.48 -24.56
C LYS A 122 4.80 5.97 -24.51
N LEU A 123 4.56 5.44 -23.31
CA LEU A 123 4.34 4.01 -23.13
C LEU A 123 2.93 3.57 -23.55
N GLY A 124 2.13 4.51 -24.04
CA GLY A 124 0.79 4.16 -24.51
C GLY A 124 -0.36 4.34 -23.54
N PHE A 125 -0.12 4.91 -22.37
CA PHE A 125 -1.18 5.13 -21.41
C PHE A 125 -2.09 6.27 -21.81
N ASP A 126 -3.37 6.12 -21.52
CA ASP A 126 -4.37 7.16 -21.74
C ASP A 126 -4.53 7.77 -20.35
N ILE A 127 -5.28 8.86 -20.26
CA ILE A 127 -5.53 9.51 -18.98
C ILE A 127 -7.03 9.48 -18.72
N GLU A 128 -7.43 9.13 -17.49
CA GLU A 128 -8.85 9.06 -17.17
C GLU A 128 -9.46 10.45 -16.96
N LYS A 129 -10.71 10.60 -17.38
CA LYS A 129 -11.39 11.88 -17.25
C LYS A 129 -11.78 12.17 -15.80
N GLY A 130 -11.19 13.24 -15.25
CA GLY A 130 -11.48 13.64 -13.88
C GLY A 130 -12.52 14.73 -13.80
N THR A 131 -12.38 15.61 -12.81
CA THR A 131 -13.33 16.70 -12.60
C THR A 131 -12.81 18.09 -12.92
N LYS A 132 -11.50 18.20 -13.09
CA LYS A 132 -10.91 19.49 -13.42
C LYS A 132 -9.82 19.30 -14.47
N THR A 133 -9.30 20.41 -14.97
CA THR A 133 -8.25 20.38 -15.97
C THR A 133 -7.11 21.24 -15.48
N VAL A 134 -5.88 20.72 -15.61
CA VAL A 134 -4.69 21.45 -15.21
C VAL A 134 -3.72 21.37 -16.39
N ASN A 135 -3.38 22.53 -16.94
CA ASN A 135 -2.49 22.59 -18.09
C ASN A 135 -2.96 21.69 -19.23
N GLY A 136 -4.27 21.62 -19.40
CA GLY A 136 -4.84 20.81 -20.48
C GLY A 136 -4.93 19.31 -20.23
N ILE A 137 -4.55 18.87 -19.04
CA ILE A 137 -4.60 17.45 -18.68
C ILE A 137 -5.76 17.25 -17.71
N SER A 138 -6.58 16.21 -17.94
CA SER A 138 -7.69 15.95 -17.04
C SER A 138 -7.11 15.47 -15.71
N VAL A 139 -7.67 15.99 -14.61
CA VAL A 139 -7.19 15.68 -13.29
C VAL A 139 -8.28 15.35 -12.26
N PHE A 140 -7.94 14.50 -11.30
CA PHE A 140 -8.87 14.15 -10.24
C PHE A 140 -8.50 15.04 -9.05
N ALA A 141 -9.37 16.01 -8.76
CA ALA A 141 -9.14 16.95 -7.67
C ALA A 141 -8.97 16.31 -6.31
N ASN A 142 -7.92 16.71 -5.60
CA ASN A 142 -7.61 16.24 -4.26
C ASN A 142 -7.68 14.72 -4.11
N TYR A 143 -7.26 14.01 -5.13
CA TYR A 143 -7.28 12.54 -5.14
C TYR A 143 -6.57 11.93 -3.94
N ASP A 144 -5.38 12.43 -3.63
CA ASP A 144 -4.60 11.93 -2.50
C ASP A 144 -4.64 12.88 -1.30
N GLY A 145 -5.72 13.64 -1.17
CA GLY A 145 -5.85 14.56 -0.06
C GLY A 145 -5.97 16.00 -0.52
N PRO A 146 -6.22 16.95 0.40
CA PRO A 146 -6.35 18.36 0.01
C PRO A 146 -5.11 18.90 -0.70
N GLY A 147 -5.33 19.53 -1.85
CA GLY A 147 -4.24 20.08 -2.61
C GLY A 147 -3.39 19.02 -3.29
N GLN A 148 -3.85 17.77 -3.27
CA GLN A 148 -3.11 16.68 -3.89
C GLN A 148 -3.82 16.16 -5.13
N ASP A 149 -3.91 16.99 -6.16
CA ASP A 149 -4.56 16.58 -7.40
C ASP A 149 -3.71 15.49 -8.05
N ARG A 150 -4.35 14.61 -8.80
CA ARG A 150 -3.63 13.53 -9.45
C ARG A 150 -4.12 13.27 -10.86
N VAL A 151 -3.19 12.88 -11.71
CA VAL A 151 -3.50 12.50 -13.09
C VAL A 151 -3.57 10.97 -12.99
N LEU A 152 -4.67 10.38 -13.46
CA LEU A 152 -4.84 8.94 -13.43
C LEU A 152 -4.61 8.33 -14.81
N PHE A 153 -3.62 7.46 -14.91
CA PHE A 153 -3.27 6.81 -16.17
C PHE A 153 -3.93 5.43 -16.28
N VAL A 154 -4.23 5.02 -17.51
CA VAL A 154 -4.81 3.70 -17.74
C VAL A 154 -4.44 3.23 -19.13
N LYS A 155 -4.04 1.97 -19.24
CA LYS A 155 -3.65 1.40 -20.51
C LYS A 155 -4.24 -0.01 -20.66
N ASN A 156 -4.88 -0.28 -21.78
CA ASN A 156 -5.42 -1.61 -22.00
C ASN A 156 -4.27 -2.49 -22.41
N ILE A 157 -4.21 -3.69 -21.86
CA ILE A 157 -3.14 -4.62 -22.16
C ILE A 157 -3.64 -6.01 -22.58
N HIS B 1 -28.89 3.27 15.04
CA HIS B 1 -28.76 1.83 14.68
C HIS B 1 -27.30 1.50 14.46
N MET B 2 -27.01 0.63 13.50
CA MET B 2 -25.63 0.29 13.23
C MET B 2 -25.48 -0.57 11.99
N ASP B 3 -24.32 -0.44 11.35
CA ASP B 3 -24.05 -1.23 10.17
C ASP B 3 -22.56 -1.35 9.91
N ILE B 4 -22.21 -2.32 9.10
CA ILE B 4 -20.84 -2.56 8.71
C ILE B 4 -20.94 -2.76 7.21
N ARG B 5 -20.06 -2.09 6.48
CA ARG B 5 -20.07 -2.20 5.03
C ARG B 5 -18.66 -2.11 4.48
N THR B 6 -18.50 -2.50 3.23
CA THR B 6 -17.20 -2.42 2.59
C THR B 6 -16.97 -0.96 2.19
N ILE B 7 -15.71 -0.56 2.09
CA ILE B 7 -15.43 0.83 1.74
C ILE B 7 -15.51 1.04 0.24
N THR B 8 -15.64 2.31 -0.15
CA THR B 8 -15.70 2.67 -1.56
C THR B 8 -14.69 3.80 -1.73
N SER B 9 -14.32 4.11 -2.97
CA SER B 9 -13.35 5.16 -3.20
C SER B 9 -13.76 6.49 -2.59
N SER B 10 -15.06 6.78 -2.61
CA SER B 10 -15.57 8.04 -2.08
C SER B 10 -15.47 8.19 -0.56
N ASP B 11 -15.13 7.11 0.15
CA ASP B 11 -14.99 7.18 1.61
C ASP B 11 -13.65 7.78 1.99
N TYR B 12 -12.77 7.97 1.01
CA TYR B 12 -11.44 8.51 1.29
C TYR B 12 -11.39 9.77 2.14
N GLU B 13 -12.13 10.81 1.72
CA GLU B 13 -12.13 12.07 2.45
C GLU B 13 -12.66 11.92 3.87
N MET B 14 -13.81 11.28 4.01
CA MET B 14 -14.43 11.08 5.32
C MET B 14 -13.49 10.34 6.28
N VAL B 15 -12.98 9.19 5.86
CA VAL B 15 -12.09 8.39 6.71
C VAL B 15 -10.78 9.08 7.13
N THR B 16 -10.09 9.70 6.17
CA THR B 16 -8.83 10.35 6.48
C THR B 16 -8.99 11.59 7.35
N SER B 17 -10.08 12.32 7.20
CA SER B 17 -10.29 13.52 8.00
C SER B 17 -10.72 13.16 9.42
N VAL B 18 -11.62 12.20 9.55
CA VAL B 18 -12.10 11.76 10.86
C VAL B 18 -10.94 11.16 11.65
N LEU B 19 -10.15 10.35 10.97
CA LEU B 19 -9.00 9.68 11.57
C LEU B 19 -8.14 10.72 12.29
N ASN B 20 -7.89 11.84 11.64
CA ASN B 20 -7.08 12.91 12.20
C ASN B 20 -7.66 13.44 13.51
N GLU B 21 -8.99 13.54 13.56
CA GLU B 21 -9.67 14.01 14.77
C GLU B 21 -9.52 13.00 15.88
N TRP B 22 -9.69 11.73 15.54
CA TRP B 22 -9.59 10.65 16.52
C TRP B 22 -8.22 10.63 17.20
N TRP B 23 -7.17 10.83 16.43
CA TRP B 23 -5.81 10.86 16.98
C TRP B 23 -5.74 12.02 17.98
N GLY B 24 -5.98 13.22 17.47
CA GLY B 24 -5.94 14.41 18.31
C GLY B 24 -4.54 14.85 18.68
N GLY B 25 -3.57 14.49 17.86
CA GLY B 25 -2.20 14.86 18.15
C GLY B 25 -1.58 15.65 17.01
N ARG B 26 -0.27 15.80 17.03
CA ARG B 26 0.41 16.56 15.98
C ARG B 26 0.43 15.79 14.67
N GLN B 27 0.71 16.49 13.59
CA GLN B 27 0.75 15.91 12.25
C GLN B 27 1.37 14.52 12.23
N LEU B 28 0.65 13.56 11.63
CA LEU B 28 1.10 12.19 11.52
C LEU B 28 1.62 11.95 10.11
N LYS B 29 2.54 11.00 9.96
CA LYS B 29 3.08 10.68 8.65
C LYS B 29 1.98 9.97 7.86
N GLU B 30 1.69 10.46 6.67
CA GLU B 30 0.66 9.87 5.83
C GLU B 30 0.92 8.38 5.65
N LYS B 31 -0.07 7.57 6.00
CA LYS B 31 0.08 6.12 5.88
C LYS B 31 -1.09 5.49 5.13
N LEU B 32 -2.05 6.32 4.72
CA LEU B 32 -3.22 5.82 3.99
C LEU B 32 -3.46 6.45 2.62
N PRO B 33 -2.61 6.13 1.63
CA PRO B 33 -2.81 6.70 0.31
C PRO B 33 -4.11 6.19 -0.31
N ARG B 34 -4.64 6.94 -1.26
CA ARG B 34 -5.89 6.61 -1.94
C ARG B 34 -5.96 5.20 -2.53
N LEU B 35 -4.83 4.68 -2.99
CA LEU B 35 -4.81 3.33 -3.58
C LEU B 35 -5.49 2.26 -2.71
N PHE B 36 -5.40 2.40 -1.40
CA PHE B 36 -6.02 1.40 -0.52
C PHE B 36 -7.54 1.40 -0.62
N PHE B 37 -8.14 2.58 -0.81
CA PHE B 37 -9.59 2.71 -0.93
C PHE B 37 -10.11 2.31 -2.30
N GLU B 38 -9.21 2.22 -3.27
CA GLU B 38 -9.61 1.87 -4.63
C GLU B 38 -9.40 0.40 -4.98
N HIS B 39 -8.42 -0.25 -4.37
CA HIS B 39 -8.10 -1.61 -4.75
C HIS B 39 -8.30 -2.77 -3.78
N PHE B 40 -8.65 -2.47 -2.54
CA PHE B 40 -8.83 -3.53 -1.55
C PHE B 40 -10.15 -3.35 -0.83
N GLN B 41 -11.17 -2.95 -1.59
CA GLN B 41 -12.49 -2.67 -1.03
C GLN B 41 -13.26 -3.83 -0.41
N ASP B 42 -13.15 -5.03 -0.98
CA ASP B 42 -13.88 -6.16 -0.46
C ASP B 42 -13.38 -6.66 0.89
N THR B 43 -12.21 -6.21 1.30
CA THR B 43 -11.65 -6.64 2.59
C THR B 43 -11.31 -5.45 3.48
N SER B 44 -11.99 -4.33 3.22
CA SER B 44 -11.81 -3.10 4.01
C SER B 44 -13.21 -2.68 4.42
N PHE B 45 -13.37 -2.28 5.67
CA PHE B 45 -14.70 -1.95 6.20
C PHE B 45 -14.85 -0.68 7.02
N ILE B 46 -16.10 -0.22 7.12
CA ILE B 46 -16.45 0.95 7.92
C ILE B 46 -17.66 0.57 8.75
N THR B 47 -17.59 0.82 10.06
CA THR B 47 -18.71 0.55 10.95
C THR B 47 -19.29 1.90 11.32
N SER B 48 -20.60 1.95 11.51
CA SER B 48 -21.22 3.22 11.87
C SER B 48 -22.47 3.01 12.69
N GLU B 49 -22.94 4.09 13.29
CA GLU B 49 -24.14 4.11 14.10
C GLU B 49 -24.83 5.42 13.79
N HIS B 50 -26.10 5.36 13.42
CA HIS B 50 -26.85 6.56 13.08
C HIS B 50 -26.12 7.36 12.00
N ASN B 51 -25.60 6.66 11.00
CA ASN B 51 -24.89 7.28 9.89
C ASN B 51 -23.57 7.97 10.23
N SER B 52 -23.05 7.73 11.44
CA SER B 52 -21.78 8.31 11.85
C SER B 52 -20.75 7.19 12.05
N MET B 53 -19.60 7.32 11.40
CA MET B 53 -18.57 6.30 11.50
C MET B 53 -18.04 6.10 12.92
N THR B 54 -17.94 4.84 13.33
CA THR B 54 -17.45 4.49 14.65
C THR B 54 -16.14 3.72 14.53
N GLY B 55 -15.82 3.28 13.32
CA GLY B 55 -14.59 2.53 13.12
C GLY B 55 -14.35 2.16 11.68
N PHE B 56 -13.12 1.77 11.37
CA PHE B 56 -12.77 1.36 10.02
C PHE B 56 -11.57 0.43 10.06
N LEU B 57 -11.42 -0.36 9.02
CA LEU B 57 -10.31 -1.30 8.91
C LEU B 57 -9.94 -1.45 7.44
N ILE B 58 -8.65 -1.31 7.16
CA ILE B 58 -8.15 -1.45 5.80
C ILE B 58 -7.25 -2.67 5.81
N GLY B 59 -7.55 -3.66 4.96
CA GLY B 59 -6.74 -4.85 4.92
C GLY B 59 -6.82 -5.50 3.55
N PHE B 60 -6.03 -6.56 3.36
CA PHE B 60 -6.03 -7.24 2.07
C PHE B 60 -5.47 -8.64 2.18
N GLN B 61 -5.61 -9.41 1.10
CA GLN B 61 -5.06 -10.75 1.07
C GLN B 61 -3.67 -10.63 0.47
N SER B 62 -2.69 -11.29 1.08
CA SER B 62 -1.33 -11.24 0.54
C SER B 62 -1.36 -11.84 -0.85
N GLN B 63 -0.61 -11.25 -1.78
CA GLN B 63 -0.57 -11.78 -3.13
C GLN B 63 0.54 -12.80 -3.33
N SER B 64 1.71 -12.59 -2.71
CA SER B 64 2.80 -13.54 -2.86
C SER B 64 2.74 -14.69 -1.84
N ASP B 65 1.88 -14.53 -0.82
CA ASP B 65 1.69 -15.56 0.22
C ASP B 65 0.18 -15.59 0.51
N PRO B 66 -0.61 -16.08 -0.45
CA PRO B 66 -2.08 -16.20 -0.43
C PRO B 66 -2.78 -16.71 0.83
N GLU B 67 -2.12 -17.57 1.60
CA GLU B 67 -2.76 -18.09 2.81
C GLU B 67 -2.73 -17.04 3.92
N THR B 68 -2.03 -15.94 3.69
CA THR B 68 -1.90 -14.87 4.66
C THR B 68 -2.73 -13.64 4.31
N ALA B 69 -3.45 -13.12 5.31
CA ALA B 69 -4.25 -11.91 5.16
C ALA B 69 -3.47 -10.86 5.96
N TYR B 70 -3.57 -9.60 5.56
CA TYR B 70 -2.83 -8.54 6.24
C TYR B 70 -3.71 -7.34 6.57
N ILE B 71 -3.65 -6.89 7.81
CA ILE B 71 -4.43 -5.72 8.21
C ILE B 71 -3.43 -4.57 8.25
N HIS B 72 -3.67 -3.58 7.41
CA HIS B 72 -2.78 -2.44 7.32
C HIS B 72 -3.09 -1.34 8.33
N PHE B 73 -4.37 -1.02 8.50
CA PHE B 73 -4.74 0.03 9.43
C PHE B 73 -6.18 -0.08 9.89
N SER B 74 -6.40 0.18 11.18
CA SER B 74 -7.75 0.13 11.72
C SER B 74 -7.82 1.20 12.79
N GLY B 75 -9.03 1.70 13.04
CA GLY B 75 -9.20 2.72 14.05
C GLY B 75 -10.60 2.65 14.62
N VAL B 76 -10.75 3.08 15.86
CA VAL B 76 -12.05 3.07 16.52
C VAL B 76 -12.29 4.43 17.14
N HIS B 77 -13.54 4.89 17.07
CA HIS B 77 -13.91 6.18 17.65
C HIS B 77 -13.48 6.17 19.12
N PRO B 78 -12.78 7.23 19.56
CA PRO B 78 -12.31 7.31 20.95
C PRO B 78 -13.39 7.13 22.02
N ASP B 79 -14.62 7.51 21.69
CA ASP B 79 -15.74 7.38 22.63
C ASP B 79 -16.23 5.94 22.73
N PHE B 80 -15.75 5.08 21.84
CA PHE B 80 -16.14 3.68 21.84
C PHE B 80 -14.99 2.78 22.29
N ARG B 81 -15.34 1.67 22.92
CA ARG B 81 -14.34 0.72 23.40
C ARG B 81 -13.79 -0.12 22.25
N LYS B 82 -12.47 -0.21 22.18
CA LYS B 82 -11.78 -0.97 21.13
C LYS B 82 -12.25 -2.41 20.97
N MET B 83 -12.34 -3.15 22.07
CA MET B 83 -12.75 -4.55 22.02
C MET B 83 -14.23 -4.79 21.70
N GLN B 84 -14.93 -3.73 21.28
CA GLN B 84 -16.33 -3.85 20.93
C GLN B 84 -16.42 -3.59 19.42
N ILE B 85 -16.12 -2.36 19.03
CA ILE B 85 -16.15 -1.96 17.63
C ILE B 85 -14.99 -2.63 16.89
N GLY B 86 -13.80 -2.58 17.49
CA GLY B 86 -12.63 -3.18 16.88
C GLY B 86 -12.78 -4.66 16.65
N LYS B 87 -13.24 -5.38 17.66
CA LYS B 87 -13.42 -6.82 17.55
C LYS B 87 -14.39 -7.14 16.43
N GLN B 88 -15.41 -6.30 16.26
CA GLN B 88 -16.39 -6.53 15.20
C GLN B 88 -15.75 -6.35 13.83
N LEU B 89 -14.96 -5.30 13.67
CA LEU B 89 -14.28 -5.05 12.40
C LEU B 89 -13.32 -6.20 12.10
N TYR B 90 -12.56 -6.62 13.10
CA TYR B 90 -11.63 -7.73 12.91
C TYR B 90 -12.36 -9.05 12.60
N ASP B 91 -13.50 -9.29 13.25
CA ASP B 91 -14.24 -10.52 13.02
C ASP B 91 -14.83 -10.59 11.61
N VAL B 92 -15.31 -9.46 11.11
CA VAL B 92 -15.88 -9.43 9.77
C VAL B 92 -14.75 -9.59 8.76
N PHE B 93 -13.61 -8.98 9.04
CA PHE B 93 -12.45 -9.10 8.15
C PHE B 93 -12.01 -10.57 8.07
N ILE B 94 -11.89 -11.22 9.23
CA ILE B 94 -11.46 -12.62 9.30
C ILE B 94 -12.41 -13.54 8.55
N GLU B 95 -13.71 -13.32 8.74
CA GLU B 95 -14.73 -14.13 8.07
C GLU B 95 -14.57 -13.98 6.55
N THR B 96 -14.31 -12.75 6.12
CA THR B 96 -14.16 -12.45 4.71
C THR B 96 -12.90 -13.08 4.10
N VAL B 97 -11.75 -12.92 4.76
CA VAL B 97 -10.53 -13.49 4.22
C VAL B 97 -10.47 -15.01 4.30
N LYS B 98 -11.24 -15.61 5.21
CA LYS B 98 -11.25 -17.07 5.29
C LYS B 98 -11.93 -17.58 4.01
N GLN B 99 -12.84 -16.78 3.47
CA GLN B 99 -13.55 -17.16 2.26
C GLN B 99 -12.66 -16.98 1.02
N ARG B 100 -11.49 -16.38 1.22
CA ARG B 100 -10.53 -16.17 0.15
C ARG B 100 -9.40 -17.20 0.25
N GLY B 101 -9.50 -18.09 1.24
CA GLY B 101 -8.49 -19.12 1.42
C GLY B 101 -7.39 -18.82 2.43
N CYS B 102 -7.53 -17.73 3.16
CA CYS B 102 -6.53 -17.35 4.15
C CYS B 102 -6.64 -18.19 5.42
N THR B 103 -5.49 -18.58 5.95
CA THR B 103 -5.44 -19.39 7.16
C THR B 103 -4.69 -18.69 8.29
N ARG B 104 -4.23 -17.47 8.04
CA ARG B 104 -3.56 -16.70 9.07
C ARG B 104 -3.68 -15.21 8.76
N VAL B 105 -3.50 -14.38 9.78
CA VAL B 105 -3.58 -12.93 9.59
C VAL B 105 -2.36 -12.29 10.24
N LYS B 106 -1.82 -11.27 9.59
CA LYS B 106 -0.66 -10.56 10.09
C LYS B 106 -0.88 -9.06 10.10
N CYS B 107 -0.07 -8.36 10.88
CA CYS B 107 -0.11 -6.90 10.96
C CYS B 107 1.11 -6.48 11.76
N VAL B 108 1.38 -5.18 11.83
CA VAL B 108 2.54 -4.70 12.56
C VAL B 108 2.26 -3.43 13.36
N THR B 109 3.18 -3.11 14.26
CA THR B 109 3.07 -1.89 15.04
C THR B 109 4.44 -1.58 15.64
N SER B 110 4.57 -0.40 16.24
CA SER B 110 5.82 0.00 16.86
C SER B 110 5.92 -0.65 18.24
N PRO B 111 7.14 -1.05 18.65
CA PRO B 111 7.28 -1.68 19.96
C PRO B 111 6.89 -0.78 21.12
N VAL B 112 6.80 0.54 20.87
CA VAL B 112 6.41 1.43 21.94
C VAL B 112 4.91 1.73 21.93
N ASN B 113 4.20 1.17 20.97
CA ASN B 113 2.76 1.38 20.88
C ASN B 113 2.11 0.29 21.75
N LYS B 114 2.06 0.53 23.05
CA LYS B 114 1.48 -0.44 23.97
C LYS B 114 -0.01 -0.64 23.76
N VAL B 115 -0.71 0.41 23.32
CA VAL B 115 -2.14 0.29 23.07
C VAL B 115 -2.38 -0.77 22.00
N SER B 116 -1.60 -0.73 20.93
CA SER B 116 -1.74 -1.70 19.85
C SER B 116 -1.28 -3.09 20.26
N ILE B 117 -0.16 -3.17 20.97
CA ILE B 117 0.34 -4.47 21.41
C ILE B 117 -0.70 -5.15 22.31
N ALA B 118 -1.30 -4.39 23.22
CA ALA B 118 -2.33 -4.92 24.11
C ALA B 118 -3.55 -5.40 23.35
N TYR B 119 -4.04 -4.56 22.44
CA TYR B 119 -5.21 -4.86 21.63
C TYR B 119 -5.04 -6.14 20.81
N HIS B 120 -3.93 -6.25 20.08
CA HIS B 120 -3.70 -7.44 19.27
C HIS B 120 -3.49 -8.68 20.13
N THR B 121 -2.83 -8.53 21.28
CA THR B 121 -2.61 -9.67 22.15
C THR B 121 -3.95 -10.18 22.68
N LYS B 122 -4.83 -9.25 23.05
CA LYS B 122 -6.15 -9.61 23.57
C LYS B 122 -6.95 -10.33 22.49
N LEU B 123 -6.75 -9.95 21.24
CA LEU B 123 -7.46 -10.60 20.13
C LEU B 123 -6.92 -11.99 19.80
N GLY B 124 -5.83 -12.37 20.46
CA GLY B 124 -5.28 -13.70 20.22
C GLY B 124 -4.03 -13.79 19.36
N PHE B 125 -3.52 -12.66 18.90
CA PHE B 125 -2.32 -12.67 18.07
C PHE B 125 -1.05 -13.04 18.84
N ASP B 126 -0.17 -13.78 18.16
CA ASP B 126 1.13 -14.13 18.72
C ASP B 126 2.04 -13.08 18.08
N ILE B 127 3.30 -13.04 18.52
CA ILE B 127 4.26 -12.11 17.95
C ILE B 127 5.38 -12.96 17.34
N GLU B 128 5.78 -12.60 16.13
CA GLU B 128 6.85 -13.34 15.46
C GLU B 128 8.22 -13.02 16.03
N LYS B 129 9.08 -14.03 16.05
CA LYS B 129 10.43 -13.88 16.58
C LYS B 129 11.31 -13.06 15.64
N GLY B 130 11.77 -11.90 16.13
CA GLY B 130 12.59 -11.03 15.32
C GLY B 130 14.08 -11.15 15.60
N THR B 131 14.80 -10.04 15.41
CA THR B 131 16.24 -10.03 15.61
C THR B 131 16.67 -9.39 16.93
N LYS B 132 15.76 -8.71 17.61
CA LYS B 132 16.10 -8.11 18.88
C LYS B 132 14.91 -7.99 19.81
N THR B 133 15.15 -7.45 20.99
CA THR B 133 14.12 -7.32 22.00
C THR B 133 14.00 -5.88 22.47
N VAL B 134 12.76 -5.40 22.57
CA VAL B 134 12.48 -4.05 23.05
C VAL B 134 11.37 -4.17 24.08
N ASN B 135 11.67 -3.77 25.31
CA ASN B 135 10.70 -3.85 26.40
C ASN B 135 10.12 -5.25 26.53
N GLY B 136 10.96 -6.27 26.32
CA GLY B 136 10.53 -7.65 26.46
C GLY B 136 9.73 -8.23 25.30
N ILE B 137 9.59 -7.45 24.23
CA ILE B 137 8.85 -7.91 23.06
C ILE B 137 9.83 -8.14 21.93
N SER B 138 9.65 -9.25 21.19
CA SER B 138 10.54 -9.55 20.07
C SER B 138 10.22 -8.57 18.95
N VAL B 139 11.25 -7.98 18.33
CA VAL B 139 11.03 -7.02 17.27
C VAL B 139 11.95 -7.22 16.06
N PHE B 140 11.48 -6.76 14.91
CA PHE B 140 12.25 -6.84 13.68
C PHE B 140 12.90 -5.47 13.51
N ALA B 141 14.20 -5.41 13.74
CA ALA B 141 14.95 -4.16 13.66
C ALA B 141 14.87 -3.48 12.30
N ASN B 142 14.60 -2.19 12.31
CA ASN B 142 14.53 -1.37 11.10
C ASN B 142 13.65 -1.98 10.03
N TYR B 143 12.57 -2.65 10.44
CA TYR B 143 11.65 -3.29 9.52
C TYR B 143 11.08 -2.33 8.48
N ASP B 144 10.68 -1.14 8.93
CA ASP B 144 10.11 -0.13 8.04
C ASP B 144 11.10 0.99 7.74
N GLY B 145 12.39 0.70 7.85
CA GLY B 145 13.40 1.71 7.59
C GLY B 145 14.31 1.92 8.78
N PRO B 146 15.40 2.68 8.62
CA PRO B 146 16.31 2.90 9.75
C PRO B 146 15.62 3.52 10.96
N GLY B 147 15.75 2.85 12.10
CA GLY B 147 15.13 3.34 13.32
C GLY B 147 13.65 2.99 13.43
N GLN B 148 13.11 2.34 12.41
CA GLN B 148 11.69 1.97 12.43
C GLN B 148 11.49 0.49 12.76
N ASP B 149 11.75 0.14 14.02
CA ASP B 149 11.59 -1.23 14.47
C ASP B 149 10.10 -1.57 14.48
N ARG B 150 9.79 -2.84 14.27
CA ARG B 150 8.40 -3.25 14.25
C ARG B 150 8.14 -4.59 14.92
N VAL B 151 6.98 -4.65 15.58
CA VAL B 151 6.51 -5.88 16.22
C VAL B 151 5.63 -6.48 15.13
N LEU B 152 5.86 -7.76 14.82
CA LEU B 152 5.07 -8.45 13.80
C LEU B 152 4.11 -9.41 14.45
N PHE B 153 2.82 -9.16 14.26
CA PHE B 153 1.77 -10.01 14.81
C PHE B 153 1.32 -11.07 13.83
N VAL B 154 0.93 -12.24 14.34
CA VAL B 154 0.43 -13.29 13.49
C VAL B 154 -0.54 -14.16 14.27
N LYS B 155 -1.62 -14.55 13.62
CA LYS B 155 -2.61 -15.40 14.26
C LYS B 155 -3.24 -16.35 13.25
N ASN B 156 -3.38 -17.62 13.62
CA ASN B 156 -4.00 -18.58 12.74
C ASN B 156 -5.50 -18.37 12.81
N ILE B 157 -6.17 -18.54 11.67
CA ILE B 157 -7.61 -18.37 11.62
C ILE B 157 -8.25 -19.54 10.89
#